data_1ELF
#
_entry.id   1ELF
#
_cell.length_a   52.270
_cell.length_b   58.090
_cell.length_c   75.330
_cell.angle_alpha   90.00
_cell.angle_beta   90.00
_cell.angle_gamma   90.00
#
_symmetry.space_group_name_H-M   'P 21 21 21'
#
loop_
_entity.id
_entity.type
_entity.pdbx_description
1 polymer 'PORCINE PANCREATIC ELASTASE'
2 non-polymer 'CALCIUM ION'
3 non-polymer 'SULFATE ION'
4 non-polymer '(TERT-BUTYLOXYCARBONYL)-ALANYL-AMINO ETHYL-FORMAMIDE'
5 water water
#
_entity_poly.entity_id   1
_entity_poly.type   'polypeptide(L)'
_entity_poly.pdbx_seq_one_letter_code
;VVGGTEAQRNSWPSQISLQYRSGSSWAHTCGGTLIRQNWVMTAAHCVDRELTFRVVVGEHNLNQNNGTEQYVGVQKIVVH
PYWNTDDVAAGYDIALLRLAQSVTLNSYVQLGVLPRAGTILANNSPCYITGWGLTRTNGQLAQTLQQAYLPTVDYAICSS
SSYWGSTVKNSMVCAGGDGVRSGCQGDSGGPLHCLVNGQYAVHGVTSFVSRLGCNVTRKPTVFTRVSAYISWINNVIASN
;
_entity_poly.pdbx_strand_id   A
#
loop_
_chem_comp.id
_chem_comp.type
_chem_comp.name
_chem_comp.formula
BAF non-polymer '(TERT-BUTYLOXYCARBONYL)-ALANYL-AMINO ETHYL-FORMAMIDE' 'C11 H21 N3 O4'
CA non-polymer 'CALCIUM ION' 'Ca 2'
SO4 non-polymer 'SULFATE ION' 'O4 S -2'
#
# COMPACT_ATOMS: atom_id res chain seq x y z
N VAL A 1 -5.87 4.68 -8.04
CA VAL A 1 -6.17 5.90 -7.33
C VAL A 1 -7.25 6.71 -8.10
N VAL A 2 -8.38 7.02 -7.43
CA VAL A 2 -9.38 7.85 -8.08
C VAL A 2 -9.07 9.32 -7.73
N GLY A 3 -9.21 10.24 -8.70
CA GLY A 3 -8.98 11.65 -8.45
C GLY A 3 -7.52 11.97 -8.17
N GLY A 4 -6.59 11.20 -8.75
CA GLY A 4 -5.18 11.45 -8.58
C GLY A 4 -4.60 12.34 -9.68
N THR A 5 -3.32 12.64 -9.44
CA THR A 5 -2.59 13.31 -10.51
C THR A 5 -1.38 12.43 -10.76
N GLU A 6 -0.74 12.65 -11.92
CA GLU A 6 0.39 11.81 -12.18
C GLU A 6 1.61 12.20 -11.36
N ALA A 7 2.23 11.17 -10.80
CA ALA A 7 3.43 11.44 -10.01
C ALA A 7 4.71 11.68 -10.83
N GLN A 8 5.63 12.49 -10.28
CA GLN A 8 6.93 12.55 -10.94
C GLN A 8 7.67 11.23 -10.73
N ARG A 9 8.58 10.95 -11.69
CA ARG A 9 9.26 9.66 -11.67
C ARG A 9 10.06 9.32 -10.43
N ASN A 10 10.58 10.37 -9.81
CA ASN A 10 11.45 10.11 -8.66
C ASN A 10 10.86 10.49 -7.32
N SER A 11 9.53 10.73 -7.32
CA SER A 11 8.99 11.18 -6.04
C SER A 11 8.75 10.12 -4.96
N TRP A 12 8.43 8.88 -5.39
CA TRP A 12 8.07 7.92 -4.35
C TRP A 12 8.88 6.66 -4.62
N PRO A 13 10.21 6.63 -4.39
CA PRO A 13 11.08 5.55 -4.84
C PRO A 13 10.96 4.22 -4.07
N SER A 14 10.18 4.25 -2.96
CA SER A 14 9.99 2.98 -2.28
C SER A 14 8.75 2.22 -2.75
N GLN A 15 7.97 2.88 -3.65
CA GLN A 15 6.81 2.19 -4.21
C GLN A 15 7.19 1.00 -5.10
N ILE A 16 6.51 -0.13 -4.92
CA ILE A 16 6.75 -1.21 -5.88
C ILE A 16 5.44 -1.68 -6.49
N SER A 17 5.59 -2.38 -7.63
CA SER A 17 4.46 -3.05 -8.23
C SER A 17 4.59 -4.57 -8.03
N LEU A 18 3.56 -5.11 -7.35
CA LEU A 18 3.49 -6.56 -7.18
C LEU A 18 2.65 -7.15 -8.32
N GLN A 19 3.33 -8.07 -9.02
CA GLN A 19 2.70 -8.65 -10.22
C GLN A 19 2.60 -10.18 -10.22
N TYR A 20 1.57 -10.73 -10.88
CA TYR A 20 1.59 -12.18 -10.94
C TYR A 20 1.65 -12.68 -12.38
N ARG A 21 2.12 -13.93 -12.49
CA ARG A 21 2.24 -14.48 -13.83
C ARG A 21 0.88 -14.85 -14.36
N SER A 22 0.73 -14.44 -15.60
CA SER A 22 -0.57 -14.54 -16.20
C SER A 22 -0.33 -14.95 -17.66
N GLY A 23 -0.33 -16.28 -17.88
CA GLY A 23 -0.10 -16.88 -19.20
C GLY A 23 1.37 -16.74 -19.59
N SER A 24 1.55 -15.88 -20.61
CA SER A 24 2.95 -15.63 -20.97
C SER A 24 3.41 -14.24 -20.49
N SER A 25 2.54 -13.59 -19.71
CA SER A 25 2.89 -12.25 -19.32
C SER A 25 2.73 -12.04 -17.83
N TRP A 26 2.99 -10.81 -17.39
CA TRP A 26 2.82 -10.51 -15.98
C TRP A 26 1.78 -9.42 -15.84
N ALA A 27 1.05 -9.48 -14.73
CA ALA A 27 0.01 -8.50 -14.56
C ALA A 27 0.05 -7.86 -13.17
N HIS A 28 -0.08 -6.50 -13.17
CA HIS A 28 -0.14 -5.79 -11.90
C HIS A 28 -1.38 -6.16 -11.07
N THR A 29 -1.08 -6.45 -9.79
CA THR A 29 -2.22 -6.73 -8.92
C THR A 29 -2.26 -5.90 -7.63
N CYS A 30 -1.08 -5.49 -7.13
CA CYS A 30 -1.06 -4.73 -5.89
C CYS A 30 0.19 -3.83 -5.87
N GLY A 31 0.18 -2.93 -4.93
CA GLY A 31 1.37 -2.16 -4.63
C GLY A 31 2.08 -2.81 -3.43
N GLY A 32 3.14 -2.14 -3.02
CA GLY A 32 3.91 -2.53 -1.86
C GLY A 32 4.95 -1.45 -1.60
N THR A 33 5.68 -1.67 -0.49
CA THR A 33 6.73 -0.71 -0.13
C THR A 33 8.03 -1.50 0.07
N LEU A 34 9.13 -1.05 -0.54
CA LEU A 34 10.42 -1.68 -0.27
C LEU A 34 10.92 -1.24 1.11
N ILE A 35 11.15 -2.21 2.01
CA ILE A 35 11.58 -1.80 3.33
C ILE A 35 13.01 -2.23 3.62
N ARG A 36 13.51 -3.24 2.91
CA ARG A 36 14.92 -3.58 2.99
C ARG A 36 15.32 -3.87 1.55
N GLN A 37 16.60 -4.06 1.22
CA GLN A 37 16.93 -4.36 -0.18
C GLN A 37 16.37 -5.68 -0.67
N ASN A 38 16.06 -6.53 0.31
CA ASN A 38 15.47 -7.81 -0.09
C ASN A 38 14.16 -8.11 0.62
N TRP A 39 13.49 -7.06 1.15
CA TRP A 39 12.18 -7.29 1.75
C TRP A 39 11.16 -6.20 1.33
N VAL A 40 9.94 -6.68 1.01
CA VAL A 40 8.83 -5.80 0.62
C VAL A 40 7.65 -5.96 1.60
N MET A 41 7.02 -4.83 1.97
CA MET A 41 5.79 -4.89 2.75
C MET A 41 4.55 -4.69 1.86
N THR A 42 3.55 -5.56 2.00
CA THR A 42 2.34 -5.40 1.19
C THR A 42 1.15 -5.89 2.04
N ALA A 43 -0.04 -5.98 1.45
CA ALA A 43 -1.18 -6.47 2.22
C ALA A 43 -1.27 -8.00 2.09
N ALA A 44 -1.64 -8.66 3.22
CA ALA A 44 -1.85 -10.09 3.11
C ALA A 44 -2.88 -10.53 2.07
N HIS A 45 -3.95 -9.74 1.88
CA HIS A 45 -4.92 -10.21 0.88
C HIS A 45 -4.41 -10.21 -0.58
N CYS A 46 -3.31 -9.48 -0.81
CA CYS A 46 -2.75 -9.50 -2.16
C CYS A 46 -2.08 -10.83 -2.44
N VAL A 47 -1.64 -11.54 -1.37
CA VAL A 47 -1.00 -12.82 -1.68
C VAL A 47 -1.80 -14.02 -1.21
N ASP A 48 -3.13 -13.79 -1.06
CA ASP A 48 -3.97 -14.96 -0.78
C ASP A 48 -3.99 -16.05 -1.86
N ARG A 49 -3.90 -15.64 -3.13
CA ARG A 49 -3.85 -16.68 -4.14
C ARG A 49 -2.46 -17.27 -4.28
N GLU A 50 -2.48 -18.54 -4.66
CA GLU A 50 -1.18 -19.19 -4.75
C GLU A 50 -0.63 -19.11 -6.17
N LEU A 51 -0.15 -17.89 -6.44
CA LEU A 51 0.29 -17.52 -7.79
C LEU A 51 1.78 -17.31 -7.81
N THR A 52 2.34 -17.21 -9.01
CA THR A 52 3.74 -16.83 -9.04
C THR A 52 3.81 -15.30 -9.02
N PHE A 53 4.61 -14.78 -8.10
CA PHE A 53 4.66 -13.34 -7.96
C PHE A 53 6.04 -12.78 -8.24
N ARG A 54 6.01 -11.57 -8.84
CA ARG A 54 7.30 -10.85 -8.90
C ARG A 54 7.09 -9.41 -8.43
N VAL A 55 8.23 -8.79 -8.14
CA VAL A 55 8.19 -7.41 -7.71
C VAL A 55 8.98 -6.61 -8.75
N VAL A 56 8.41 -5.45 -9.08
CA VAL A 56 9.16 -4.51 -9.93
C VAL A 56 9.45 -3.22 -9.13
N VAL A 57 10.76 -2.93 -9.01
CA VAL A 57 11.14 -1.64 -8.38
C VAL A 57 11.58 -0.66 -9.47
N GLY A 58 11.56 0.67 -9.18
CA GLY A 58 11.97 1.67 -10.17
C GLY A 58 10.97 1.77 -11.34
N GLU A 59 9.73 1.40 -10.99
CA GLU A 59 8.72 1.42 -12.01
C GLU A 59 7.96 2.75 -12.04
N HIS A 60 7.59 3.14 -13.28
CA HIS A 60 6.77 4.32 -13.42
C HIS A 60 5.63 4.10 -14.44
N ASN A 61 5.94 3.71 -15.71
CA ASN A 61 4.87 3.44 -16.64
C ASN A 61 4.78 1.94 -16.79
N LEU A 62 3.68 1.34 -16.35
CA LEU A 62 3.59 -0.11 -16.46
C LEU A 62 3.80 -0.76 -17.85
N ASN A 63 3.40 0.04 -18.84
CA ASN A 63 3.39 -0.52 -20.17
C ASN A 63 4.54 -0.05 -21.04
N GLN A 64 5.59 0.56 -20.44
CA GLN A 64 6.68 1.02 -21.31
C GLN A 64 8.03 0.85 -20.68
N ASN A 65 9.08 0.55 -21.45
CA ASN A 65 10.37 0.64 -20.78
C ASN A 65 10.78 2.08 -20.40
N ASN A 66 11.14 2.16 -19.11
CA ASN A 66 11.55 3.47 -18.58
C ASN A 66 13.07 3.54 -18.43
N GLY A 67 13.82 2.42 -18.53
CA GLY A 67 15.26 2.41 -18.30
C GLY A 67 15.64 2.38 -16.81
N THR A 68 14.65 2.24 -15.90
CA THR A 68 15.02 2.27 -14.48
C THR A 68 14.56 1.05 -13.65
N GLU A 69 13.89 0.11 -14.33
CA GLU A 69 13.24 -0.97 -13.57
C GLU A 69 14.17 -2.10 -13.22
N GLN A 70 13.86 -2.72 -12.07
CA GLN A 70 14.52 -3.99 -11.77
C GLN A 70 13.43 -4.96 -11.40
N TYR A 71 13.66 -6.18 -11.91
CA TYR A 71 12.63 -7.22 -11.76
C TYR A 71 13.18 -8.34 -10.91
N VAL A 72 12.43 -8.65 -9.85
CA VAL A 72 12.98 -9.68 -8.99
C VAL A 72 11.87 -10.58 -8.45
N GLY A 73 12.19 -11.87 -8.34
CA GLY A 73 11.25 -12.86 -7.84
C GLY A 73 11.01 -12.85 -6.33
N VAL A 74 9.84 -13.41 -5.99
CA VAL A 74 9.53 -13.53 -4.57
C VAL A 74 9.93 -14.94 -4.12
N GLN A 75 10.82 -14.93 -3.15
CA GLN A 75 11.27 -16.20 -2.63
C GLN A 75 10.51 -16.73 -1.39
N LYS A 76 9.89 -15.84 -0.58
CA LYS A 76 9.23 -16.34 0.62
C LYS A 76 8.13 -15.35 0.99
N ILE A 77 6.96 -15.88 1.34
CA ILE A 77 5.90 -14.97 1.75
C ILE A 77 5.56 -15.22 3.23
N VAL A 78 5.66 -14.19 4.07
CA VAL A 78 5.29 -14.35 5.49
C VAL A 78 4.05 -13.48 5.74
N VAL A 79 2.86 -14.11 5.87
CA VAL A 79 1.71 -13.26 6.16
C VAL A 79 1.52 -13.18 7.68
N HIS A 80 0.80 -12.15 8.13
CA HIS A 80 0.61 -12.09 9.57
C HIS A 80 -0.12 -13.35 10.06
N PRO A 81 0.33 -14.05 11.16
CA PRO A 81 -0.33 -15.22 11.77
C PRO A 81 -1.83 -15.13 12.06
N TYR A 82 -2.23 -13.88 12.31
CA TYR A 82 -3.63 -13.69 12.62
C TYR A 82 -4.50 -13.27 11.45
N TRP A 83 -3.92 -13.16 10.23
CA TRP A 83 -4.75 -12.70 9.11
C TRP A 83 -5.83 -13.72 8.79
N ASN A 84 -7.00 -13.19 8.48
CA ASN A 84 -8.02 -14.15 8.08
C ASN A 84 -8.70 -13.59 6.84
N THR A 85 -8.53 -14.37 5.77
CA THR A 85 -9.14 -13.97 4.48
C THR A 85 -10.62 -13.58 4.45
N ASP A 86 -11.36 -14.30 5.32
CA ASP A 86 -12.81 -14.06 5.37
C ASP A 86 -13.18 -12.93 6.33
N ASP A 87 -12.15 -12.26 6.86
CA ASP A 87 -12.47 -11.23 7.81
C ASP A 87 -11.45 -10.08 7.66
N VAL A 88 -11.45 -9.36 6.52
CA VAL A 88 -10.51 -8.22 6.44
C VAL A 88 -10.76 -7.11 7.48
N ALA A 89 -12.03 -7.00 7.95
CA ALA A 89 -12.34 -6.00 8.96
C ALA A 89 -11.72 -6.29 10.31
N ALA A 90 -11.27 -7.55 10.47
CA ALA A 90 -10.53 -7.83 11.70
C ALA A 90 -9.12 -7.24 11.77
N GLY A 91 -8.58 -6.83 10.62
CA GLY A 91 -7.24 -6.31 10.55
C GLY A 91 -6.23 -7.38 10.16
N TYR A 92 -4.97 -7.08 10.55
CA TYR A 92 -3.83 -7.95 10.25
C TYR A 92 -3.57 -8.13 8.76
N ASP A 93 -4.06 -7.13 8.01
CA ASP A 93 -3.84 -7.23 6.58
C ASP A 93 -2.45 -6.72 6.18
N ILE A 94 -1.47 -7.63 6.43
CA ILE A 94 -0.09 -7.23 6.18
C ILE A 94 0.75 -8.50 5.97
N ALA A 95 1.68 -8.38 5.03
CA ALA A 95 2.56 -9.50 4.72
C ALA A 95 3.90 -8.95 4.28
N LEU A 96 4.91 -9.81 4.49
CA LEU A 96 6.25 -9.39 4.10
C LEU A 96 6.77 -10.41 3.11
N LEU A 97 7.42 -9.89 2.07
CA LEU A 97 7.90 -10.74 0.98
C LEU A 97 9.42 -10.69 0.91
N ARG A 98 10.02 -11.87 1.09
CA ARG A 98 11.45 -11.89 0.85
C ARG A 98 11.76 -12.08 -0.65
N LEU A 99 12.59 -11.14 -1.13
CA LEU A 99 12.94 -11.24 -2.53
C LEU A 99 14.06 -12.24 -2.80
N ALA A 100 14.04 -12.71 -4.04
CA ALA A 100 15.06 -13.69 -4.41
C ALA A 100 16.46 -13.07 -4.48
N GLN A 101 16.56 -11.80 -4.89
CA GLN A 101 17.88 -11.15 -4.82
C GLN A 101 17.74 -9.76 -4.19
N SER A 102 18.87 -9.19 -3.70
CA SER A 102 18.79 -7.81 -3.23
C SER A 102 18.79 -6.83 -4.38
N VAL A 103 17.91 -5.82 -4.31
CA VAL A 103 17.88 -4.85 -5.39
C VAL A 103 18.92 -3.73 -5.17
N THR A 104 19.23 -3.01 -6.27
CA THR A 104 20.19 -1.92 -6.17
C THR A 104 19.50 -0.60 -5.90
N LEU A 105 20.00 0.07 -4.85
CA LEU A 105 19.36 1.34 -4.58
C LEU A 105 19.98 2.45 -5.41
N ASN A 106 19.10 3.35 -5.83
CA ASN A 106 19.55 4.53 -6.58
C ASN A 106 18.50 5.64 -6.50
N SER A 107 18.47 6.69 -7.34
CA SER A 107 17.40 7.67 -7.10
C SER A 107 15.98 7.20 -7.42
N TYR A 108 15.90 6.02 -8.04
CA TYR A 108 14.58 5.49 -8.33
C TYR A 108 14.16 4.36 -7.40
N VAL A 109 15.11 3.87 -6.60
CA VAL A 109 14.80 2.72 -5.75
C VAL A 109 15.38 3.04 -4.39
N GLN A 110 14.50 3.26 -3.43
CA GLN A 110 14.99 3.59 -2.10
C GLN A 110 14.15 2.89 -1.03
N LEU A 111 14.69 2.77 0.17
CA LEU A 111 13.85 2.16 1.18
C LEU A 111 12.85 3.16 1.75
N GLY A 112 11.67 2.63 2.10
CA GLY A 112 10.61 3.37 2.75
C GLY A 112 10.94 3.54 4.22
N VAL A 113 10.65 4.74 4.70
CA VAL A 113 10.92 5.02 6.11
C VAL A 113 9.72 4.56 6.95
N LEU A 114 9.94 3.75 7.98
CA LEU A 114 8.78 3.33 8.77
C LEU A 114 8.61 4.22 10.01
N PRO A 115 7.39 4.46 10.51
CA PRO A 115 7.16 5.17 11.75
C PRO A 115 7.62 4.40 12.99
N ARG A 116 7.84 5.21 14.04
CA ARG A 116 8.09 4.53 15.32
C ARG A 116 6.86 3.79 15.80
N ALA A 117 7.15 2.67 16.50
CA ALA A 117 6.04 1.92 17.06
C ALA A 117 5.06 2.71 17.89
N GLY A 118 3.75 2.59 17.67
CA GLY A 118 2.76 3.25 18.49
C GLY A 118 2.30 4.62 18.02
N THR A 119 3.00 5.15 17.00
CA THR A 119 2.65 6.47 16.51
C THR A 119 1.26 6.59 15.90
N ILE A 120 0.52 7.55 16.42
CA ILE A 120 -0.84 7.80 15.90
C ILE A 120 -0.84 9.23 15.34
N LEU A 121 -1.38 9.41 14.13
CA LEU A 121 -1.40 10.76 13.56
C LEU A 121 -2.62 11.56 13.99
N ALA A 122 -2.36 12.88 14.08
CA ALA A 122 -3.53 13.68 14.45
C ALA A 122 -4.51 13.75 13.29
N ASN A 123 -5.78 14.03 13.61
CA ASN A 123 -6.74 14.14 12.52
C ASN A 123 -6.31 15.22 11.53
N ASN A 124 -6.69 14.85 10.31
CA ASN A 124 -6.32 15.68 9.18
C ASN A 124 -4.83 15.93 8.94
N SER A 125 -4.05 14.85 9.21
CA SER A 125 -2.64 14.90 8.92
C SER A 125 -2.39 14.75 7.41
N PRO A 126 -1.41 15.47 6.84
CA PRO A 126 -1.13 15.45 5.41
C PRO A 126 -0.50 14.15 4.96
N CYS A 127 -1.25 13.45 4.09
CA CYS A 127 -0.69 12.20 3.57
C CYS A 127 -1.02 12.09 2.09
N TYR A 128 -0.22 11.24 1.42
CA TYR A 128 -0.48 10.97 0.01
C TYR A 128 -0.63 9.46 -0.20
N ILE A 129 -1.62 9.08 -1.03
CA ILE A 129 -1.68 7.68 -1.45
C ILE A 129 -1.07 7.56 -2.86
N THR A 130 -0.30 6.49 -3.08
CA THR A 130 0.19 6.32 -4.46
C THR A 130 -0.15 4.93 -5.02
N GLY A 131 -0.28 4.78 -6.35
CA GLY A 131 -0.50 3.45 -6.94
C GLY A 131 -0.89 3.47 -8.41
N TRP A 132 -0.92 2.23 -8.94
CA TRP A 132 -1.35 2.05 -10.32
C TRP A 132 -2.78 1.47 -10.43
N GLY A 133 -3.55 1.54 -9.32
CA GLY A 133 -4.91 1.02 -9.27
C GLY A 133 -5.89 1.80 -10.14
N LEU A 134 -7.11 1.22 -10.13
CA LEU A 134 -8.18 1.83 -10.92
C LEU A 134 -8.38 3.32 -10.66
N THR A 135 -8.59 3.99 -11.81
CA THR A 135 -8.75 5.42 -11.70
C THR A 135 -10.20 5.88 -11.61
N ARG A 136 -11.08 4.87 -11.69
CA ARG A 136 -12.51 5.12 -11.47
C ARG A 136 -13.03 3.81 -10.86
N THR A 137 -14.11 3.90 -10.08
CA THR A 137 -14.78 2.68 -9.63
C THR A 137 -15.18 1.86 -10.89
N ASN A 138 -14.80 0.57 -10.88
CA ASN A 138 -15.08 -0.32 -12.03
C ASN A 138 -14.47 0.14 -13.35
N GLY A 139 -13.38 0.92 -13.24
CA GLY A 139 -12.67 1.46 -14.38
C GLY A 139 -11.50 0.56 -14.72
N GLN A 140 -10.42 1.22 -15.15
CA GLN A 140 -9.23 0.43 -15.41
C GLN A 140 -7.97 0.99 -14.74
N LEU A 141 -6.92 0.13 -14.75
CA LEU A 141 -5.66 0.56 -14.14
C LEU A 141 -5.01 1.77 -14.79
N ALA A 142 -4.24 2.45 -13.93
CA ALA A 142 -3.46 3.54 -14.48
C ALA A 142 -2.22 2.99 -15.19
N GLN A 143 -1.77 3.74 -16.21
CA GLN A 143 -0.50 3.32 -16.82
C GLN A 143 0.70 3.86 -16.08
N THR A 144 0.52 5.08 -15.60
CA THR A 144 1.62 5.69 -14.86
C THR A 144 1.22 5.89 -13.40
N LEU A 145 2.26 5.91 -12.53
CA LEU A 145 1.93 6.06 -11.11
C LEU A 145 1.16 7.35 -10.81
N GLN A 146 0.09 7.11 -10.02
CA GLN A 146 -0.74 8.22 -9.61
C GLN A 146 -0.57 8.54 -8.13
N GLN A 147 -0.95 9.79 -7.78
CA GLN A 147 -0.89 10.12 -6.36
C GLN A 147 -2.11 10.98 -6.01
N ALA A 148 -2.56 10.87 -4.76
CA ALA A 148 -3.64 11.77 -4.37
C ALA A 148 -3.43 12.18 -2.92
N TYR A 149 -3.78 13.45 -2.66
CA TYR A 149 -3.67 13.96 -1.30
C TYR A 149 -4.87 13.47 -0.54
N LEU A 150 -4.49 12.73 0.53
CA LEU A 150 -5.53 12.08 1.30
C LEU A 150 -5.27 12.34 2.79
N PRO A 151 -5.75 13.43 3.41
CA PRO A 151 -5.62 13.65 4.84
C PRO A 151 -6.30 12.62 5.76
N THR A 152 -5.65 12.35 6.90
CA THR A 152 -6.23 11.32 7.75
C THR A 152 -7.54 11.70 8.41
N VAL A 153 -8.28 10.63 8.74
CA VAL A 153 -9.52 10.81 9.48
C VAL A 153 -9.23 9.98 10.73
N ASP A 154 -9.19 10.64 11.91
CA ASP A 154 -8.79 9.83 13.07
C ASP A 154 -9.78 8.75 13.49
N TYR A 155 -9.35 7.89 14.44
CA TYR A 155 -10.20 6.76 14.77
C TYR A 155 -11.60 7.10 15.30
N ALA A 156 -11.64 8.11 16.16
CA ALA A 156 -12.94 8.53 16.68
C ALA A 156 -13.92 8.95 15.61
N ILE A 157 -13.42 9.64 14.59
CA ILE A 157 -14.37 10.02 13.54
C ILE A 157 -14.64 8.85 12.60
N CYS A 158 -13.56 8.12 12.28
CA CYS A 158 -13.76 7.05 11.31
C CYS A 158 -14.62 5.88 11.80
N SER A 159 -14.56 5.64 13.12
CA SER A 159 -15.40 4.55 13.61
C SER A 159 -16.79 5.04 14.03
N SER A 160 -17.13 6.30 13.71
CA SER A 160 -18.49 6.73 14.03
C SER A 160 -19.48 6.16 13.01
N SER A 161 -20.77 6.26 13.37
CA SER A 161 -21.82 5.71 12.52
C SER A 161 -21.89 6.12 11.07
N SER A 162 -21.64 7.41 10.85
CA SER A 162 -21.74 7.84 9.45
C SER A 162 -20.53 7.52 8.58
N TYR A 163 -19.43 7.13 9.25
CA TYR A 163 -18.27 6.71 8.46
C TYR A 163 -18.22 5.20 8.38
N TRP A 164 -17.25 4.51 9.03
CA TRP A 164 -17.18 3.09 8.87
C TRP A 164 -17.76 2.27 10.00
N GLY A 165 -18.12 2.92 11.10
CA GLY A 165 -18.62 2.21 12.26
C GLY A 165 -17.63 1.19 12.84
N SER A 166 -18.21 0.04 13.19
CA SER A 166 -17.39 -1.02 13.79
C SER A 166 -16.39 -1.74 12.89
N THR A 167 -16.56 -1.46 11.59
CA THR A 167 -15.67 -2.09 10.64
C THR A 167 -14.23 -1.67 10.82
N VAL A 168 -14.02 -0.40 11.21
CA VAL A 168 -12.63 0.06 11.40
C VAL A 168 -12.16 -0.20 12.83
N LYS A 169 -10.88 -0.61 12.90
CA LYS A 169 -10.36 -0.86 14.23
C LYS A 169 -9.20 0.14 14.51
N ASN A 170 -8.67 0.09 15.73
CA ASN A 170 -7.62 1.06 16.03
C ASN A 170 -6.26 0.64 15.43
N SER A 171 -6.19 -0.62 14.96
CA SER A 171 -5.03 -1.05 14.18
C SER A 171 -5.06 -0.60 12.71
N MET A 172 -5.97 0.33 12.42
CA MET A 172 -6.09 0.81 11.03
C MET A 172 -5.96 2.36 10.96
N VAL A 173 -5.63 2.89 9.77
CA VAL A 173 -5.62 4.33 9.54
C VAL A 173 -6.66 4.60 8.47
N CYS A 174 -7.47 5.62 8.71
CA CYS A 174 -8.40 6.01 7.65
C CYS A 174 -7.87 7.27 6.99
N ALA A 175 -8.06 7.39 5.67
CA ALA A 175 -7.62 8.66 5.07
C ALA A 175 -8.53 8.97 3.90
N GLY A 176 -8.89 10.24 3.75
CA GLY A 176 -9.71 10.70 2.63
C GLY A 176 -11.19 10.79 2.97
N GLY A 177 -12.02 10.23 2.10
CA GLY A 177 -13.46 10.23 2.30
C GLY A 177 -14.18 11.44 1.73
N ASP A 178 -13.52 12.18 0.83
CA ASP A 178 -14.20 13.38 0.36
C ASP A 178 -15.12 13.17 -0.84
N GLY A 179 -15.27 11.92 -1.31
CA GLY A 179 -16.09 11.57 -2.45
C GLY A 179 -15.44 11.78 -3.81
N VAL A 180 -14.19 12.27 -3.82
CA VAL A 180 -13.56 12.59 -5.11
C VAL A 180 -12.23 11.80 -5.26
N ARG A 181 -11.48 11.77 -4.17
CA ARG A 181 -10.16 11.16 -4.22
C ARG A 181 -10.18 9.92 -3.32
N SER A 182 -9.49 8.88 -3.81
CA SER A 182 -9.44 7.68 -2.96
C SER A 182 -8.48 6.65 -3.53
N GLY A 183 -8.20 5.64 -2.68
CA GLY A 183 -7.57 4.40 -3.19
C GLY A 183 -8.63 3.60 -3.96
N CYS A 184 -8.20 2.60 -4.74
CA CYS A 184 -9.21 1.81 -5.46
C CYS A 184 -8.55 0.45 -5.76
N GLN A 185 -9.26 -0.52 -6.38
CA GLN A 185 -8.61 -1.82 -6.62
C GLN A 185 -7.29 -1.79 -7.34
N GLY A 186 -6.25 -2.52 -6.96
CA GLY A 186 -4.92 -2.45 -7.57
C GLY A 186 -3.96 -1.52 -6.83
N ASP A 187 -4.53 -0.70 -5.92
CA ASP A 187 -3.68 0.12 -5.02
C ASP A 187 -3.38 -0.62 -3.71
N SER A 188 -4.18 -1.66 -3.46
CA SER A 188 -4.04 -2.48 -2.28
C SER A 188 -2.59 -2.87 -2.00
N GLY A 189 -2.13 -2.86 -0.76
CA GLY A 189 -0.76 -3.26 -0.41
C GLY A 189 0.25 -2.10 -0.44
N GLY A 190 -0.18 -1.05 -1.15
CA GLY A 190 0.68 0.12 -1.36
C GLY A 190 0.80 1.02 -0.14
N PRO A 191 1.67 2.03 -0.22
CA PRO A 191 1.87 3.03 0.81
C PRO A 191 0.87 4.19 0.98
N LEU A 192 0.79 4.57 2.27
CA LEU A 192 0.19 5.87 2.54
C LEU A 192 1.41 6.57 3.14
N HIS A 193 1.81 7.63 2.44
CA HIS A 193 3.01 8.39 2.84
C HIS A 193 2.60 9.63 3.63
N CYS A 194 3.08 9.79 4.86
CA CYS A 194 2.64 10.96 5.61
C CYS A 194 3.83 11.80 6.08
N LEU A 195 3.66 13.13 5.99
CA LEU A 195 4.78 14.01 6.33
C LEU A 195 4.82 14.21 7.84
N VAL A 196 5.94 13.77 8.42
CA VAL A 196 6.09 13.85 9.86
C VAL A 196 7.51 14.35 10.15
N ASN A 197 7.58 15.52 10.82
CA ASN A 197 8.91 16.11 11.10
C ASN A 197 9.83 16.28 9.91
N GLY A 198 9.19 16.81 8.87
CA GLY A 198 9.79 17.12 7.59
C GLY A 198 10.19 15.94 6.73
N GLN A 199 9.77 14.72 7.11
CA GLN A 199 10.11 13.54 6.35
C GLN A 199 8.87 12.72 6.02
N TYR A 200 8.80 12.17 4.80
CA TYR A 200 7.66 11.30 4.51
C TYR A 200 7.91 9.91 5.08
N ALA A 201 6.93 9.41 5.86
CA ALA A 201 7.11 8.05 6.31
C ALA A 201 5.87 7.23 5.88
N VAL A 202 6.04 5.91 5.73
CA VAL A 202 4.91 5.07 5.31
C VAL A 202 4.10 4.60 6.55
N HIS A 203 2.94 5.26 6.73
CA HIS A 203 2.11 4.95 7.87
C HIS A 203 0.99 3.97 7.57
N GLY A 204 0.67 3.71 6.29
CA GLY A 204 -0.41 2.76 6.00
C GLY A 204 -0.03 1.81 4.90
N VAL A 205 -0.69 0.64 4.96
CA VAL A 205 -0.59 -0.32 3.86
C VAL A 205 -2.05 -0.33 3.35
N THR A 206 -2.31 -0.04 2.06
CA THR A 206 -3.72 0.05 1.64
C THR A 206 -4.46 -1.30 1.76
N SER A 207 -5.60 -1.23 2.43
CA SER A 207 -6.31 -2.50 2.67
C SER A 207 -7.68 -2.59 2.02
N PHE A 208 -8.55 -1.60 2.25
CA PHE A 208 -9.88 -1.73 1.64
C PHE A 208 -10.62 -0.42 1.45
N VAL A 209 -11.57 -0.55 0.47
CA VAL A 209 -12.51 0.53 0.27
C VAL A 209 -13.94 -0.03 0.38
N SER A 210 -14.89 0.88 0.22
CA SER A 210 -16.28 0.43 0.30
C SER A 210 -16.74 -0.46 -0.86
N ARG A 211 -17.64 -1.40 -0.53
CA ARG A 211 -18.24 -2.25 -1.57
C ARG A 211 -19.05 -1.41 -2.58
N LEU A 212 -19.43 -0.22 -2.10
CA LEU A 212 -20.24 0.63 -2.96
C LEU A 212 -19.49 1.37 -4.03
N GLY A 213 -18.17 1.49 -3.82
CA GLY A 213 -17.34 2.25 -4.72
C GLY A 213 -16.08 2.68 -4.01
N CYS A 214 -15.15 3.07 -4.87
CA CYS A 214 -13.89 3.52 -4.29
C CYS A 214 -13.98 4.90 -3.65
N ASN A 215 -14.44 5.90 -4.41
CA ASN A 215 -14.56 7.25 -3.86
C ASN A 215 -15.97 7.52 -3.34
N VAL A 216 -16.16 7.22 -2.07
CA VAL A 216 -17.52 7.40 -1.55
C VAL A 216 -17.41 8.37 -0.37
N THR A 217 -18.28 9.38 -0.37
CA THR A 217 -18.21 10.35 0.74
C THR A 217 -18.43 9.68 2.11
N ARG A 218 -17.56 10.05 3.05
CA ARG A 218 -17.61 9.44 4.38
C ARG A 218 -17.29 7.94 4.47
N LYS A 219 -16.71 7.42 3.36
CA LYS A 219 -16.13 6.08 3.48
C LYS A 219 -14.68 6.20 3.03
N PRO A 220 -13.81 6.80 3.84
CA PRO A 220 -12.39 6.89 3.53
C PRO A 220 -11.71 5.58 3.24
N THR A 221 -10.62 5.72 2.49
CA THR A 221 -9.81 4.52 2.24
C THR A 221 -9.19 4.03 3.59
N VAL A 222 -9.17 2.68 3.75
CA VAL A 222 -8.69 2.16 5.03
C VAL A 222 -7.39 1.42 4.80
N PHE A 223 -6.51 1.72 5.77
CA PHE A 223 -5.16 1.24 5.70
C PHE A 223 -4.77 0.41 6.91
N THR A 224 -3.92 -0.61 6.73
CA THR A 224 -3.31 -1.20 7.91
C THR A 224 -2.33 -0.17 8.52
N ARG A 225 -2.46 0.03 9.86
CA ARG A 225 -1.57 0.97 10.55
C ARG A 225 -0.20 0.34 10.82
N VAL A 226 0.75 0.81 10.01
CA VAL A 226 2.08 0.19 10.11
C VAL A 226 2.71 0.27 11.52
N SER A 227 2.45 1.38 12.25
CA SER A 227 3.11 1.51 13.54
C SER A 227 2.58 0.54 14.59
N ALA A 228 1.48 -0.14 14.27
CA ALA A 228 1.03 -1.19 15.17
C ALA A 228 1.80 -2.49 14.94
N TYR A 229 2.63 -2.54 13.90
CA TYR A 229 3.27 -3.79 13.55
C TYR A 229 4.80 -3.78 13.50
N ILE A 230 5.38 -2.73 14.13
CA ILE A 230 6.82 -2.63 14.00
C ILE A 230 7.60 -3.77 14.65
N SER A 231 7.13 -4.24 15.83
CA SER A 231 7.79 -5.40 16.44
C SER A 231 7.74 -6.66 15.59
N TRP A 232 6.52 -6.93 15.05
CA TRP A 232 6.38 -8.10 14.19
C TRP A 232 7.29 -7.99 12.97
N ILE A 233 7.28 -6.81 12.32
CA ILE A 233 8.15 -6.66 11.12
C ILE A 233 9.63 -6.95 11.40
N ASN A 234 10.07 -6.31 12.48
CA ASN A 234 11.46 -6.56 12.84
C ASN A 234 11.78 -7.97 13.31
N ASN A 235 10.82 -8.63 13.95
CA ASN A 235 11.03 -10.06 14.30
C ASN A 235 11.08 -11.00 13.10
N VAL A 236 10.31 -10.66 12.06
CA VAL A 236 10.37 -11.51 10.87
C VAL A 236 11.67 -11.27 10.11
N ILE A 237 12.12 -10.02 9.98
CA ILE A 237 13.33 -9.84 9.18
C ILE A 237 14.58 -10.39 9.89
N ALA A 238 14.58 -10.22 11.22
CA ALA A 238 15.69 -10.79 11.99
C ALA A 238 15.83 -12.33 12.03
N SER A 239 14.86 -13.03 11.43
CA SER A 239 15.01 -14.48 11.45
C SER A 239 14.63 -15.15 10.13
N ASN A 240 14.57 -14.36 9.05
CA ASN A 240 14.16 -15.02 7.80
C ASN A 240 15.07 -14.72 6.62
CA CA B . 8.03 0.72 -17.15
S SO4 C . -0.07 0.23 19.28
O1 SO4 C . 0.20 1.06 20.43
O2 SO4 C . 0.74 0.71 18.20
O3 SO4 C . -1.49 0.26 18.98
O4 SO4 C . 0.37 -1.11 19.54
S SO4 D . -7.81 -5.41 -4.24
O1 SO4 D . -8.76 -5.34 -3.18
O2 SO4 D . -7.26 -4.11 -4.45
O3 SO4 D . -8.44 -5.85 -5.45
O4 SO4 D . -6.79 -6.34 -3.92
N3 BAF E . -7.22 -4.93 -5.26
C1 BAF E . -6.22 -4.21 -4.63
O1 BAF E . -5.27 -3.93 -5.29
CA1 BAF E . -6.90 -6.04 -6.22
CB1 BAF E . -5.97 -7.10 -5.58
N1 BAF E . -6.34 -5.80 -7.56
C2 BAF E . -7.20 -5.74 -8.58
O2 BAF E . -8.37 -5.92 -8.42
CA2 BAF E . -6.73 -5.52 -10.03
CB2 BAF E . -5.51 -4.62 -10.10
N2 BAF E . -7.67 -4.97 -10.99
C3 BAF E . -7.54 -5.53 -12.22
O3 BAF E . -6.76 -6.42 -12.43
O4 BAF E . -8.02 -4.84 -13.41
C4 BAF E . -9.41 -4.95 -13.84
C41 BAF E . -10.15 -6.20 -13.28
C42 BAF E . -10.15 -3.70 -13.38
C43 BAF E . -9.39 -5.06 -15.36
#